data_2ZCE
#
_entry.id   2ZCE
#
_cell.length_a   104.501
_cell.length_b   104.501
_cell.length_c   70.851
_cell.angle_alpha   90.00
_cell.angle_beta   90.00
_cell.angle_gamma   120.00
#
_symmetry.space_group_name_H-M   'P 64'
#
loop_
_entity.id
_entity.type
_entity.pdbx_description
1 polymer 'Pyrrolysyl-tRNA synthetase'
2 non-polymer 'MAGNESIUM ION'
3 non-polymer PYRROLYSINE
4 non-polymer 'PHOSPHOAMINOPHOSPHONIC ACID-ADENYLATE ESTER'
5 water water
#
_entity_poly.entity_id   1
_entity_poly.type   'polypeptide(L)'
_entity_poly.pdbx_seq_one_letter_code
;MGSSHHHHHHSSGLVPRGSHMASAPALTKSQTDRLEVLLNPKDEISLNSGKPFRELESELLSRRKKDLQQIYAEERENYL
GKLEREITRFFVDRGFLEIKSPILIPLEYIERMGIDNDTELSKQIFRVDKNFCLRPMLAPNLYNYLRKLDRALPDPIKIF
EIGPCYRKESDGKEHLEEFTMLNFCQMGSGCTRENLESIITDFLNHLGIDFKIVGDSCMVYGDTLDVMHGDLELSSAVVG
PIPLDREWGIDKPWIGAGFGLERLLKVKHDFKNIKRAARSGSYYNGISTNL
;
_entity_poly.pdbx_strand_id   A
#
# COMPACT_ATOMS: atom_id res chain seq x y z
N PRO A 25 -25.22 30.28 15.78
CA PRO A 25 -24.50 29.90 17.02
C PRO A 25 -23.77 28.57 16.78
N ALA A 26 -24.51 27.48 16.87
CA ALA A 26 -23.95 26.16 16.64
C ALA A 26 -23.50 26.07 15.18
N LEU A 27 -22.46 25.30 14.92
CA LEU A 27 -21.96 25.15 13.55
C LEU A 27 -22.84 24.13 12.86
N THR A 28 -23.11 24.31 11.57
CA THR A 28 -23.91 23.32 10.89
C THR A 28 -23.00 22.11 10.60
N LYS A 29 -23.59 20.99 10.21
CA LYS A 29 -22.81 19.81 9.88
C LYS A 29 -21.91 20.12 8.66
N SER A 30 -22.45 20.81 7.67
CA SER A 30 -21.66 21.16 6.48
C SER A 30 -20.46 22.02 6.85
N GLN A 31 -20.68 22.98 7.75
CA GLN A 31 -19.59 23.85 8.18
C GLN A 31 -18.52 23.05 8.95
N THR A 32 -18.99 22.09 9.73
CA THR A 32 -18.08 21.26 10.50
C THR A 32 -17.26 20.42 9.54
N ASP A 33 -17.91 19.89 8.51
CA ASP A 33 -17.22 19.08 7.49
C ASP A 33 -16.13 19.93 6.84
N ARG A 34 -16.46 21.17 6.51
CA ARG A 34 -15.50 22.09 5.89
C ARG A 34 -14.31 22.32 6.81
N LEU A 35 -14.58 22.58 8.10
CA LEU A 35 -13.48 22.81 9.03
C LEU A 35 -12.63 21.55 9.23
N GLU A 36 -13.26 20.38 9.18
CA GLU A 36 -12.51 19.15 9.40
C GLU A 36 -11.55 18.92 8.24
N VAL A 37 -11.95 19.36 7.05
CA VAL A 37 -11.10 19.24 5.87
C VAL A 37 -9.84 20.04 6.08
N LEU A 38 -9.97 21.17 6.79
CA LEU A 38 -8.84 22.07 7.03
C LEU A 38 -8.09 21.76 8.31
N LEU A 39 -8.60 20.81 9.06
CA LEU A 39 -8.03 20.44 10.33
C LEU A 39 -6.93 19.40 10.14
N ASN A 40 -5.84 19.55 10.88
CA ASN A 40 -4.78 18.55 10.78
C ASN A 40 -4.75 17.81 12.13
N PRO A 41 -4.22 16.58 12.14
CA PRO A 41 -4.18 15.83 13.41
C PRO A 41 -3.49 16.61 14.53
N LYS A 42 -2.58 17.50 14.13
CA LYS A 42 -1.82 18.32 15.07
C LYS A 42 -2.53 19.55 15.67
N ASP A 43 -3.68 19.92 15.12
CA ASP A 43 -4.40 21.10 15.64
C ASP A 43 -5.11 20.84 16.96
N GLU A 44 -5.07 21.84 17.85
CA GLU A 44 -5.72 21.72 19.14
C GLU A 44 -6.89 22.70 19.22
N PRO A 52 -17.60 30.50 15.99
CA PRO A 52 -17.96 31.39 14.87
C PRO A 52 -17.24 30.91 13.59
N PHE A 53 -17.99 30.22 12.72
CA PHE A 53 -17.45 29.62 11.49
C PHE A 53 -16.46 30.37 10.62
N ARG A 54 -16.83 31.54 10.11
CA ARG A 54 -15.91 32.25 9.24
C ARG A 54 -14.58 32.56 9.92
N GLU A 55 -14.61 32.71 11.24
CA GLU A 55 -13.38 32.99 11.98
C GLU A 55 -12.56 31.72 12.16
N LEU A 56 -13.22 30.61 12.50
CA LEU A 56 -12.54 29.33 12.67
C LEU A 56 -11.91 28.91 11.32
N GLU A 57 -12.61 29.19 10.22
CA GLU A 57 -12.12 28.83 8.89
C GLU A 57 -10.93 29.68 8.48
N SER A 58 -11.00 30.96 8.82
CA SER A 58 -9.92 31.88 8.47
C SER A 58 -8.65 31.47 9.21
N GLU A 59 -8.82 31.07 10.46
CA GLU A 59 -7.70 30.65 11.29
C GLU A 59 -7.01 29.43 10.66
N LEU A 60 -7.81 28.41 10.36
CA LEU A 60 -7.30 27.17 9.79
C LEU A 60 -6.69 27.40 8.41
N LEU A 61 -7.35 28.21 7.57
CA LEU A 61 -6.82 28.52 6.25
C LEU A 61 -5.42 29.11 6.40
N SER A 62 -5.26 30.04 7.33
CA SER A 62 -3.97 30.68 7.55
C SER A 62 -2.91 29.65 7.96
N ARG A 63 -3.31 28.73 8.83
CA ARG A 63 -2.40 27.70 9.29
C ARG A 63 -2.00 26.73 8.18
N ARG A 64 -2.97 26.36 7.35
CA ARG A 64 -2.71 25.40 6.29
C ARG A 64 -1.82 25.99 5.22
N LYS A 65 -1.98 27.28 4.94
CA LYS A 65 -1.14 27.94 3.95
C LYS A 65 0.30 27.99 4.50
N LYS A 66 0.42 28.25 5.80
CA LYS A 66 1.72 28.29 6.45
C LYS A 66 2.39 26.91 6.36
N ASP A 67 1.63 25.85 6.61
CA ASP A 67 2.18 24.49 6.54
C ASP A 67 2.70 24.21 5.12
N LEU A 68 1.95 24.60 4.11
CA LEU A 68 2.36 24.37 2.71
C LEU A 68 3.58 25.23 2.40
N GLN A 69 3.61 26.44 2.94
CA GLN A 69 4.76 27.31 2.69
C GLN A 69 6.04 26.71 3.30
N GLN A 70 5.92 26.10 4.47
CA GLN A 70 7.07 25.49 5.13
C GLN A 70 7.59 24.31 4.31
N ILE A 71 6.66 23.50 3.81
CA ILE A 71 7.01 22.35 2.98
C ILE A 71 7.72 22.84 1.73
N TYR A 72 7.15 23.87 1.09
CA TYR A 72 7.73 24.39 -0.14
C TYR A 72 9.12 24.97 0.08
N ALA A 73 9.33 25.57 1.25
CA ALA A 73 10.60 26.19 1.59
C ALA A 73 11.68 25.18 1.99
N GLU A 74 11.28 24.11 2.65
CA GLU A 74 12.26 23.16 3.13
C GLU A 74 12.35 21.83 2.36
N GLU A 75 11.59 20.85 2.81
CA GLU A 75 11.61 19.52 2.21
C GLU A 75 11.24 19.40 0.72
N ARG A 76 9.99 19.74 0.39
CA ARG A 76 9.44 19.69 -0.97
C ARG A 76 9.16 18.27 -1.48
N GLU A 77 9.26 17.30 -0.60
CA GLU A 77 8.99 15.92 -1.02
C GLU A 77 7.55 15.51 -0.68
N ASN A 78 6.94 14.77 -1.58
CA ASN A 78 5.58 14.29 -1.39
C ASN A 78 5.63 13.09 -0.44
N TYR A 79 4.67 12.98 0.48
CA TYR A 79 4.64 11.87 1.44
C TYR A 79 4.66 10.47 0.84
N LEU A 80 3.87 10.27 -0.21
CA LEU A 80 3.80 8.97 -0.85
C LEU A 80 5.10 8.69 -1.60
N GLY A 81 5.61 9.68 -2.32
CA GLY A 81 6.85 9.47 -3.05
C GLY A 81 8.00 9.17 -2.10
N LYS A 82 8.08 9.93 -1.02
CA LYS A 82 9.13 9.77 -0.03
C LYS A 82 9.03 8.38 0.64
N LEU A 83 7.83 7.99 1.03
CA LEU A 83 7.68 6.66 1.65
C LEU A 83 8.13 5.57 0.66
N GLU A 84 7.74 5.69 -0.60
CA GLU A 84 8.20 4.70 -1.58
C GLU A 84 9.72 4.64 -1.60
N ARG A 85 10.39 5.79 -1.55
CA ARG A 85 11.85 5.81 -1.58
C ARG A 85 12.46 5.20 -0.32
N GLU A 86 11.85 5.48 0.82
CA GLU A 86 12.32 4.92 2.10
C GLU A 86 12.15 3.39 2.12
N ILE A 87 11.01 2.92 1.62
CA ILE A 87 10.76 1.48 1.59
C ILE A 87 11.74 0.79 0.62
N THR A 88 12.00 1.44 -0.51
CA THR A 88 12.92 0.92 -1.51
C THR A 88 14.30 0.72 -0.93
N ARG A 89 14.80 1.74 -0.25
CA ARG A 89 16.10 1.66 0.36
C ARG A 89 16.15 0.53 1.39
N PHE A 90 15.10 0.40 2.19
CA PHE A 90 15.05 -0.64 3.21
C PHE A 90 15.25 -2.06 2.62
N PHE A 91 14.51 -2.35 1.56
CA PHE A 91 14.60 -3.67 0.93
C PHE A 91 15.83 -3.87 0.07
N VAL A 92 16.21 -2.84 -0.67
CA VAL A 92 17.41 -2.97 -1.48
C VAL A 92 18.58 -3.26 -0.55
N ASP A 93 18.66 -2.53 0.57
CA ASP A 93 19.73 -2.74 1.55
C ASP A 93 19.70 -4.14 2.17
N ARG A 94 18.53 -4.77 2.23
CA ARG A 94 18.40 -6.12 2.79
C ARG A 94 18.49 -7.25 1.75
N GLY A 95 19.02 -6.91 0.58
CA GLY A 95 19.23 -7.91 -0.49
C GLY A 95 18.11 -8.18 -1.48
N PHE A 96 17.06 -7.36 -1.48
CA PHE A 96 15.95 -7.59 -2.41
C PHE A 96 16.13 -6.77 -3.70
N LEU A 97 15.88 -7.41 -4.85
CA LEU A 97 15.99 -6.78 -6.15
C LEU A 97 14.73 -5.93 -6.39
N GLU A 98 14.94 -4.68 -6.81
CA GLU A 98 13.84 -3.73 -7.10
C GLU A 98 13.24 -3.99 -8.49
N ILE A 99 11.96 -4.31 -8.51
CA ILE A 99 11.24 -4.61 -9.74
C ILE A 99 10.25 -3.47 -10.09
N LYS A 100 10.11 -3.19 -11.38
CA LYS A 100 9.11 -2.25 -11.89
C LYS A 100 8.47 -3.00 -13.06
N SER A 101 7.25 -3.47 -12.84
CA SER A 101 6.54 -4.23 -13.84
C SER A 101 5.28 -3.46 -14.31
N PRO A 102 4.67 -3.91 -15.41
CA PRO A 102 3.48 -3.24 -15.95
C PRO A 102 2.31 -3.09 -14.99
N ILE A 103 1.65 -1.94 -15.08
CA ILE A 103 0.49 -1.68 -14.27
C ILE A 103 -0.71 -2.20 -15.07
N LEU A 104 -0.65 -2.04 -16.39
CA LEU A 104 -1.69 -2.53 -17.27
C LEU A 104 -1.29 -3.98 -17.60
N ILE A 105 -2.09 -4.95 -17.15
CA ILE A 105 -1.78 -6.38 -17.37
C ILE A 105 -2.87 -7.18 -18.08
N PRO A 106 -2.50 -8.35 -18.63
CA PRO A 106 -3.50 -9.18 -19.31
C PRO A 106 -4.58 -9.64 -18.35
N LEU A 107 -5.81 -9.63 -18.80
CA LEU A 107 -6.92 -10.09 -17.97
C LEU A 107 -6.66 -11.55 -17.56
N GLU A 108 -5.98 -12.30 -18.43
CA GLU A 108 -5.66 -13.70 -18.17
C GLU A 108 -4.92 -13.91 -16.84
N TYR A 109 -4.11 -12.92 -16.45
CA TYR A 109 -3.37 -13.02 -15.19
C TYR A 109 -4.31 -13.14 -13.99
N ILE A 110 -5.41 -12.40 -14.05
CA ILE A 110 -6.41 -12.41 -12.98
C ILE A 110 -6.98 -13.82 -12.81
N GLU A 111 -7.37 -14.41 -13.94
CA GLU A 111 -7.91 -15.77 -13.92
C GLU A 111 -6.85 -16.71 -13.36
N ARG A 112 -5.64 -16.58 -13.87
CA ARG A 112 -4.53 -17.43 -13.45
C ARG A 112 -4.19 -17.30 -11.96
N MET A 113 -4.63 -16.22 -11.33
CA MET A 113 -4.39 -16.02 -9.90
C MET A 113 -5.47 -16.73 -9.09
N GLY A 114 -6.36 -17.42 -9.78
CA GLY A 114 -7.43 -18.13 -9.10
C GLY A 114 -8.56 -17.21 -8.70
N ILE A 115 -8.69 -16.09 -9.42
CA ILE A 115 -9.75 -15.13 -9.12
C ILE A 115 -10.87 -15.33 -10.13
N ASP A 116 -11.84 -16.13 -9.74
CA ASP A 116 -13.00 -16.43 -10.57
C ASP A 116 -14.23 -15.69 -10.04
N ASN A 117 -15.32 -15.76 -10.79
CA ASN A 117 -16.57 -15.09 -10.43
C ASN A 117 -17.16 -15.55 -9.10
N ASP A 118 -16.34 -16.21 -8.28
CA ASP A 118 -16.76 -16.73 -6.98
C ASP A 118 -16.15 -15.91 -5.84
N THR A 119 -15.20 -15.05 -6.15
CA THR A 119 -14.53 -14.23 -5.15
C THR A 119 -14.93 -12.76 -5.24
N GLU A 120 -14.62 -12.01 -4.19
CA GLU A 120 -14.93 -10.58 -4.15
C GLU A 120 -14.16 -9.82 -5.25
N LEU A 121 -12.85 -10.06 -5.31
CA LEU A 121 -11.99 -9.39 -6.28
C LEU A 121 -12.48 -9.45 -7.72
N SER A 122 -13.12 -10.54 -8.11
CA SER A 122 -13.60 -10.67 -9.48
C SER A 122 -14.44 -9.48 -9.90
N LYS A 123 -15.19 -8.93 -8.95
CA LYS A 123 -16.03 -7.79 -9.29
C LYS A 123 -15.35 -6.44 -9.05
N GLN A 124 -14.13 -6.47 -8.52
CA GLN A 124 -13.44 -5.21 -8.26
C GLN A 124 -12.45 -4.82 -9.35
N ILE A 125 -12.37 -5.62 -10.42
CA ILE A 125 -11.43 -5.38 -11.52
C ILE A 125 -11.79 -4.26 -12.48
N PHE A 126 -10.81 -3.40 -12.75
CA PHE A 126 -10.98 -2.31 -13.70
C PHE A 126 -10.45 -2.85 -15.02
N ARG A 127 -11.36 -3.13 -15.95
CA ARG A 127 -10.98 -3.65 -17.24
C ARG A 127 -10.62 -2.56 -18.22
N VAL A 128 -9.69 -2.86 -19.12
CA VAL A 128 -9.25 -1.92 -20.13
C VAL A 128 -9.27 -2.73 -21.43
N ASP A 129 -9.98 -2.24 -22.44
CA ASP A 129 -10.09 -2.97 -23.71
C ASP A 129 -10.73 -4.32 -23.42
N LYS A 130 -10.51 -5.30 -24.29
CA LYS A 130 -11.14 -6.59 -24.07
C LYS A 130 -10.21 -7.64 -23.46
N ASN A 131 -8.91 -7.35 -23.44
CA ASN A 131 -7.96 -8.32 -22.93
C ASN A 131 -7.08 -7.88 -21.76
N PHE A 132 -7.20 -6.61 -21.34
CA PHE A 132 -6.37 -6.10 -20.27
C PHE A 132 -7.13 -5.51 -19.09
N CYS A 133 -6.38 -5.18 -18.05
CA CYS A 133 -6.97 -4.59 -16.85
C CYS A 133 -5.88 -3.86 -16.08
N LEU A 134 -6.30 -3.09 -15.08
CA LEU A 134 -5.38 -2.40 -14.20
C LEU A 134 -5.11 -3.45 -13.11
N ARG A 135 -3.84 -3.74 -12.83
CA ARG A 135 -3.48 -4.74 -11.82
C ARG A 135 -4.13 -4.45 -10.49
N PRO A 136 -4.79 -5.44 -9.88
CA PRO A 136 -5.43 -5.21 -8.57
C PRO A 136 -4.43 -5.61 -7.48
N MET A 137 -3.31 -6.22 -7.91
CA MET A 137 -2.26 -6.66 -7.00
C MET A 137 -0.97 -6.84 -7.80
N LEU A 138 0.12 -7.10 -7.08
CA LEU A 138 1.43 -7.26 -7.68
C LEU A 138 1.86 -8.72 -7.92
N ALA A 139 1.23 -9.66 -7.23
CA ALA A 139 1.61 -11.08 -7.35
C ALA A 139 1.87 -11.67 -8.73
N PRO A 140 0.95 -11.49 -9.69
CA PRO A 140 1.25 -12.11 -10.99
C PRO A 140 2.62 -11.79 -11.62
N ASN A 141 2.95 -10.51 -11.75
CA ASN A 141 4.23 -10.07 -12.33
C ASN A 141 5.38 -10.59 -11.45
N LEU A 142 5.21 -10.57 -10.14
CA LEU A 142 6.29 -11.05 -9.27
C LEU A 142 6.49 -12.58 -9.39
N TYR A 143 5.41 -13.33 -9.61
CA TYR A 143 5.47 -14.78 -9.84
C TYR A 143 6.32 -14.97 -11.11
N ASN A 144 6.04 -14.17 -12.14
CA ASN A 144 6.80 -14.30 -13.39
C ASN A 144 8.27 -14.03 -13.18
N TYR A 145 8.59 -13.04 -12.35
CA TYR A 145 10.00 -12.73 -12.08
C TYR A 145 10.68 -13.81 -11.23
N LEU A 146 9.96 -14.36 -10.26
CA LEU A 146 10.57 -15.43 -9.43
C LEU A 146 10.97 -16.58 -10.34
N ARG A 147 10.07 -16.95 -11.25
CA ARG A 147 10.33 -18.04 -12.19
C ARG A 147 11.50 -17.76 -13.10
N LYS A 148 11.51 -16.59 -13.73
CA LYS A 148 12.58 -16.25 -14.65
C LYS A 148 13.94 -16.02 -13.98
N LEU A 149 13.94 -15.32 -12.85
CA LEU A 149 15.22 -15.04 -12.17
C LEU A 149 15.89 -16.28 -11.59
N ASP A 150 15.10 -17.31 -11.29
CA ASP A 150 15.64 -18.55 -10.72
C ASP A 150 16.62 -19.21 -11.71
N ARG A 151 16.55 -18.84 -12.97
CA ARG A 151 17.46 -19.39 -13.97
C ARG A 151 18.78 -18.65 -13.97
N ALA A 152 18.84 -17.53 -13.27
CA ALA A 152 20.07 -16.75 -13.31
C ALA A 152 20.68 -16.38 -11.97
N LEU A 153 19.85 -16.28 -10.95
CA LEU A 153 20.33 -15.84 -9.67
C LEU A 153 20.53 -16.92 -8.63
N PRO A 154 21.48 -16.72 -7.73
CA PRO A 154 21.75 -17.70 -6.69
C PRO A 154 20.61 -17.72 -5.66
N ASP A 155 20.47 -18.86 -5.00
CA ASP A 155 19.44 -19.01 -4.00
C ASP A 155 19.86 -18.33 -2.71
N PRO A 156 18.93 -17.66 -2.02
CA PRO A 156 17.51 -17.46 -2.31
C PRO A 156 17.22 -16.26 -3.24
N ILE A 157 16.08 -16.28 -3.91
CA ILE A 157 15.71 -15.18 -4.81
C ILE A 157 14.90 -14.20 -3.96
N LYS A 158 15.33 -12.94 -3.89
CA LYS A 158 14.62 -11.93 -3.09
C LYS A 158 14.27 -10.75 -3.98
N ILE A 159 12.99 -10.45 -4.10
CA ILE A 159 12.58 -9.33 -4.94
C ILE A 159 11.44 -8.55 -4.30
N PHE A 160 11.18 -7.35 -4.81
CA PHE A 160 10.05 -6.58 -4.29
C PHE A 160 9.65 -5.57 -5.34
N GLU A 161 8.41 -5.14 -5.26
CA GLU A 161 7.95 -4.08 -6.14
C GLU A 161 7.03 -3.17 -5.33
N ILE A 162 7.05 -1.89 -5.70
CA ILE A 162 6.18 -0.91 -5.10
C ILE A 162 5.51 -0.19 -6.28
N GLY A 163 4.19 -0.11 -6.25
CA GLY A 163 3.54 0.58 -7.35
C GLY A 163 2.04 0.62 -7.22
N PRO A 164 1.39 1.37 -8.13
CA PRO A 164 -0.06 1.54 -8.15
C PRO A 164 -0.80 0.23 -8.41
N CYS A 165 -1.90 0.03 -7.70
CA CYS A 165 -2.78 -1.13 -7.89
C CYS A 165 -4.19 -0.53 -7.87
N TYR A 166 -5.14 -1.21 -8.49
CA TYR A 166 -6.51 -0.69 -8.61
C TYR A 166 -7.61 -1.68 -8.33
N ARG A 167 -8.59 -1.24 -7.54
CA ARG A 167 -9.76 -2.06 -7.20
C ARG A 167 -10.99 -1.17 -7.02
N LYS A 168 -12.12 -1.59 -7.59
CA LYS A 168 -13.37 -0.86 -7.41
C LYS A 168 -13.80 -1.18 -5.99
N GLU A 169 -13.99 -0.14 -5.18
CA GLU A 169 -14.35 -0.35 -3.78
C GLU A 169 -15.60 0.45 -3.39
N SER A 170 -16.28 -0.02 -2.33
CA SER A 170 -17.48 0.64 -1.82
C SER A 170 -17.09 1.53 -0.64
N ASP A 171 -16.07 1.11 0.10
CA ASP A 171 -15.59 1.87 1.26
C ASP A 171 -14.76 3.06 0.79
N GLY A 172 -14.67 4.09 1.63
CA GLY A 172 -13.89 5.26 1.27
C GLY A 172 -13.06 5.76 2.42
N LYS A 173 -13.23 5.18 3.60
CA LYS A 173 -12.51 5.59 4.79
C LYS A 173 -11.22 4.79 5.02
N GLU A 174 -11.18 3.56 4.48
CA GLU A 174 -10.01 2.69 4.62
C GLU A 174 -9.55 2.16 3.27
N HIS A 175 -10.39 2.33 2.26
CA HIS A 175 -10.11 1.85 0.90
C HIS A 175 -10.04 2.95 -0.15
N LEU A 176 -9.13 2.79 -1.11
CA LEU A 176 -9.00 3.72 -2.20
C LEU A 176 -9.17 2.85 -3.43
N GLU A 177 -9.69 3.41 -4.52
CA GLU A 177 -9.82 2.62 -5.72
C GLU A 177 -8.45 2.61 -6.37
N GLU A 178 -7.70 3.69 -6.16
CA GLU A 178 -6.36 3.79 -6.69
C GLU A 178 -5.40 3.81 -5.49
N PHE A 179 -4.63 2.74 -5.31
CA PHE A 179 -3.72 2.72 -4.16
C PHE A 179 -2.34 2.26 -4.57
N THR A 180 -1.43 2.19 -3.61
CA THR A 180 -0.04 1.82 -3.87
C THR A 180 0.32 0.66 -2.93
N MET A 181 0.83 -0.42 -3.52
CA MET A 181 1.19 -1.59 -2.76
C MET A 181 2.69 -1.82 -2.80
N LEU A 182 3.19 -2.38 -1.70
CA LEU A 182 4.57 -2.84 -1.60
C LEU A 182 4.32 -4.37 -1.51
N ASN A 183 5.05 -5.19 -2.26
CA ASN A 183 4.94 -6.64 -2.15
C ASN A 183 6.39 -7.10 -2.21
N PHE A 184 6.88 -7.74 -1.15
CA PHE A 184 8.24 -8.26 -1.21
C PHE A 184 8.11 -9.78 -1.12
N CYS A 185 9.13 -10.51 -1.58
CA CYS A 185 9.05 -11.95 -1.46
C CYS A 185 10.41 -12.58 -1.60
N GLN A 186 10.52 -13.77 -1.06
CA GLN A 186 11.77 -14.52 -1.09
C GLN A 186 11.38 -15.94 -1.48
N MET A 187 12.19 -16.55 -2.33
CA MET A 187 11.93 -17.93 -2.76
C MET A 187 13.19 -18.80 -2.65
N GLY A 188 13.04 -20.01 -2.12
CA GLY A 188 14.17 -20.93 -1.98
C GLY A 188 14.47 -21.16 -0.52
N SER A 189 15.74 -20.96 -0.15
CA SER A 189 16.22 -21.13 1.23
C SER A 189 15.68 -20.06 2.17
N GLY A 190 15.57 -20.41 3.44
CA GLY A 190 15.12 -19.49 4.46
C GLY A 190 13.70 -18.96 4.40
N CYS A 191 12.83 -19.65 3.68
CA CYS A 191 11.46 -19.21 3.59
C CYS A 191 10.58 -19.79 4.67
N THR A 192 10.84 -19.33 5.90
CA THR A 192 10.10 -19.78 7.06
C THR A 192 9.19 -18.68 7.60
N ARG A 193 8.21 -19.07 8.40
CA ARG A 193 7.30 -18.12 9.01
C ARG A 193 8.13 -17.20 9.92
N GLU A 194 9.14 -17.77 10.59
CA GLU A 194 9.99 -16.99 11.48
C GLU A 194 10.71 -15.87 10.71
N ASN A 195 11.28 -16.20 9.55
CA ASN A 195 11.99 -15.21 8.76
C ASN A 195 11.01 -14.13 8.31
N LEU A 196 9.86 -14.55 7.83
CA LEU A 196 8.85 -13.61 7.35
C LEU A 196 8.40 -12.66 8.46
N GLU A 197 8.11 -13.19 9.64
CA GLU A 197 7.68 -12.33 10.74
C GLU A 197 8.79 -11.37 11.14
N SER A 198 10.03 -11.83 11.03
CA SER A 198 11.20 -11.01 11.38
C SER A 198 11.34 -9.81 10.42
N ILE A 199 11.18 -10.05 9.13
CA ILE A 199 11.30 -8.96 8.16
C ILE A 199 10.16 -7.94 8.38
N ILE A 200 8.95 -8.46 8.62
CA ILE A 200 7.79 -7.62 8.84
C ILE A 200 8.04 -6.74 10.07
N THR A 201 8.58 -7.36 11.12
CA THR A 201 8.85 -6.66 12.36
C THR A 201 9.90 -5.60 12.20
N ASP A 202 11.04 -5.92 11.59
CA ASP A 202 12.07 -4.92 11.40
C ASP A 202 11.54 -3.81 10.49
N PHE A 203 10.75 -4.17 9.48
CA PHE A 203 10.21 -3.19 8.52
C PHE A 203 9.34 -2.17 9.23
N LEU A 204 8.33 -2.65 9.96
CA LEU A 204 7.42 -1.75 10.66
C LEU A 204 8.07 -1.00 11.81
N ASN A 205 9.01 -1.62 12.52
CA ASN A 205 9.69 -0.90 13.59
C ASN A 205 10.58 0.19 12.98
N HIS A 206 11.08 -0.09 11.77
CA HIS A 206 11.91 0.89 11.04
C HIS A 206 11.04 2.14 10.71
N LEU A 207 9.84 1.91 10.19
CA LEU A 207 8.93 3.01 9.83
C LEU A 207 8.29 3.66 11.04
N GLY A 208 8.27 2.95 12.17
CA GLY A 208 7.68 3.51 13.36
C GLY A 208 6.18 3.36 13.36
N ILE A 209 5.71 2.18 13.00
CA ILE A 209 4.28 1.90 12.94
C ILE A 209 3.94 0.70 13.82
N ASP A 210 3.03 0.92 14.77
CA ASP A 210 2.65 -0.13 15.70
C ASP A 210 1.85 -1.20 14.98
N PHE A 211 2.01 -2.46 15.38
CA PHE A 211 1.29 -3.54 14.69
C PHE A 211 1.19 -4.80 15.53
N LYS A 212 0.43 -5.76 15.02
CA LYS A 212 0.24 -7.05 15.64
C LYS A 212 0.09 -8.06 14.49
N ILE A 213 0.82 -9.17 14.55
CA ILE A 213 0.70 -10.18 13.51
C ILE A 213 -0.29 -11.24 14.01
N VAL A 214 -1.30 -11.56 13.20
CA VAL A 214 -2.30 -12.55 13.60
C VAL A 214 -2.61 -13.53 12.49
N GLY A 215 -2.98 -14.75 12.87
CA GLY A 215 -3.31 -15.76 11.89
C GLY A 215 -4.61 -15.45 11.16
N ASP A 216 -4.77 -16.04 9.98
CA ASP A 216 -5.95 -15.86 9.15
C ASP A 216 -6.25 -17.12 8.35
N GLY A 222 -1.60 -23.17 2.48
CA GLY A 222 -0.47 -22.35 2.88
C GLY A 222 -0.78 -21.52 4.12
N ASP A 223 0.26 -21.12 4.84
CA ASP A 223 0.11 -20.32 6.05
C ASP A 223 -0.12 -18.84 5.71
N THR A 224 -1.23 -18.29 6.21
CA THR A 224 -1.60 -16.90 5.93
C THR A 224 -1.70 -16.06 7.20
N LEU A 225 -1.03 -14.91 7.21
CA LEU A 225 -1.03 -14.02 8.37
C LEU A 225 -1.45 -12.62 7.99
N ASP A 226 -2.05 -11.91 8.95
CA ASP A 226 -2.45 -10.53 8.71
C ASP A 226 -1.74 -9.64 9.72
N VAL A 227 -1.16 -8.55 9.23
CA VAL A 227 -0.45 -7.59 10.07
C VAL A 227 -1.45 -6.48 10.31
N MET A 228 -1.91 -6.38 11.56
CA MET A 228 -2.93 -5.41 11.92
C MET A 228 -2.46 -4.24 12.75
N HIS A 229 -3.14 -3.10 12.57
CA HIS A 229 -2.89 -1.93 13.39
C HIS A 229 -4.30 -1.69 13.95
N GLY A 230 -4.54 -2.14 15.17
CA GLY A 230 -5.88 -1.99 15.73
C GLY A 230 -6.75 -2.84 14.82
N ASP A 231 -7.85 -2.29 14.33
CA ASP A 231 -8.71 -3.08 13.44
C ASP A 231 -8.39 -2.88 11.95
N LEU A 232 -7.31 -2.16 11.67
CA LEU A 232 -6.92 -1.89 10.29
C LEU A 232 -5.87 -2.88 9.77
N GLU A 233 -6.15 -3.50 8.63
CA GLU A 233 -5.20 -4.43 8.06
C GLU A 233 -4.13 -3.67 7.25
N LEU A 234 -2.90 -3.80 7.73
CA LEU A 234 -1.74 -3.18 7.10
C LEU A 234 -1.22 -4.07 5.99
N SER A 235 -1.29 -5.38 6.22
CA SER A 235 -0.75 -6.33 5.26
C SER A 235 -1.32 -7.72 5.38
N SER A 236 -1.23 -8.46 4.28
CA SER A 236 -1.60 -9.87 4.23
C SER A 236 -0.28 -10.51 3.82
N ALA A 237 0.12 -11.53 4.56
CA ALA A 237 1.38 -12.19 4.26
C ALA A 237 1.18 -13.70 4.19
N VAL A 238 2.00 -14.38 3.41
CA VAL A 238 1.86 -15.82 3.30
C VAL A 238 3.16 -16.59 3.23
N VAL A 239 3.13 -17.77 3.82
CA VAL A 239 4.27 -18.67 3.78
C VAL A 239 3.86 -19.74 2.79
N GLY A 240 4.58 -19.82 1.67
CA GLY A 240 4.25 -20.84 0.70
C GLY A 240 5.02 -22.10 1.09
N PRO A 241 5.03 -23.13 0.24
CA PRO A 241 4.34 -23.11 -1.05
C PRO A 241 2.83 -23.25 -0.93
N ILE A 242 2.14 -22.94 -2.02
CA ILE A 242 0.68 -23.07 -2.08
C ILE A 242 0.34 -23.68 -3.44
N PRO A 243 -0.86 -24.27 -3.56
CA PRO A 243 -1.31 -24.90 -4.82
C PRO A 243 -1.20 -23.98 -6.03
N LEU A 244 -1.52 -22.71 -5.83
CA LEU A 244 -1.46 -21.74 -6.93
C LEU A 244 -0.09 -21.65 -7.63
N ASP A 245 1.00 -21.89 -6.90
CA ASP A 245 2.35 -21.83 -7.46
C ASP A 245 2.56 -22.61 -8.75
N ARG A 246 1.92 -23.78 -8.84
CA ARG A 246 2.06 -24.63 -10.00
C ARG A 246 1.64 -23.89 -11.27
N GLU A 247 0.57 -23.11 -11.19
CA GLU A 247 0.12 -22.39 -12.37
C GLU A 247 1.15 -21.39 -12.90
N TRP A 248 2.07 -20.97 -12.04
CA TRP A 248 3.08 -19.98 -12.43
C TRP A 248 4.46 -20.58 -12.66
N GLY A 249 4.55 -21.91 -12.64
CA GLY A 249 5.84 -22.54 -12.88
C GLY A 249 6.81 -22.43 -11.72
N ILE A 250 6.25 -22.30 -10.51
CA ILE A 250 7.00 -22.20 -9.27
C ILE A 250 6.84 -23.50 -8.48
N ASP A 251 7.95 -24.04 -8.01
CA ASP A 251 7.93 -25.28 -7.24
C ASP A 251 8.87 -25.22 -6.02
N LYS A 252 9.15 -24.01 -5.53
CA LYS A 252 10.01 -23.88 -4.37
C LYS A 252 9.28 -23.19 -3.24
N PRO A 253 9.78 -23.34 -2.00
CA PRO A 253 9.06 -22.66 -0.93
C PRO A 253 9.33 -21.15 -1.09
N TRP A 254 8.47 -20.34 -0.51
CA TRP A 254 8.64 -18.89 -0.58
C TRP A 254 7.84 -18.25 0.52
N ILE A 255 8.13 -16.97 0.76
CA ILE A 255 7.41 -16.17 1.76
C ILE A 255 7.21 -14.80 1.09
N GLY A 256 6.17 -14.10 1.48
CA GLY A 256 5.95 -12.79 0.89
C GLY A 256 4.87 -12.06 1.65
N ALA A 257 4.77 -10.75 1.43
CA ALA A 257 3.75 -9.94 2.10
C ALA A 257 3.47 -8.72 1.25
N GLY A 258 2.23 -8.24 1.29
CA GLY A 258 1.82 -7.06 0.55
C GLY A 258 1.29 -6.04 1.54
N PHE A 259 1.80 -4.80 1.44
CA PHE A 259 1.43 -3.68 2.32
C PHE A 259 0.84 -2.53 1.50
N GLY A 260 -0.18 -1.86 2.02
CA GLY A 260 -0.72 -0.71 1.31
C GLY A 260 -0.02 0.53 1.84
N LEU A 261 0.68 1.26 0.98
CA LEU A 261 1.40 2.47 1.44
C LEU A 261 0.49 3.59 2.02
N GLU A 262 -0.69 3.76 1.45
CA GLU A 262 -1.58 4.80 1.97
C GLU A 262 -2.05 4.44 3.36
N ARG A 263 -2.23 3.14 3.64
CA ARG A 263 -2.62 2.75 4.99
C ARG A 263 -1.49 3.00 5.98
N LEU A 264 -0.25 2.74 5.55
CA LEU A 264 0.90 3.01 6.42
C LEU A 264 0.97 4.52 6.72
N LEU A 265 0.84 5.34 5.69
CA LEU A 265 0.89 6.79 5.92
C LEU A 265 -0.25 7.24 6.85
N LYS A 266 -1.44 6.70 6.61
CA LYS A 266 -2.62 7.04 7.40
C LYS A 266 -2.34 6.82 8.89
N VAL A 267 -1.79 5.65 9.20
CA VAL A 267 -1.48 5.32 10.58
C VAL A 267 -0.37 6.20 11.11
N LYS A 268 0.70 6.32 10.36
CA LYS A 268 1.84 7.10 10.80
C LYS A 268 1.52 8.58 11.03
N HIS A 269 0.66 9.14 10.20
CA HIS A 269 0.33 10.56 10.33
C HIS A 269 -0.96 10.85 11.06
N ASP A 270 -1.59 9.78 11.55
CA ASP A 270 -2.83 9.88 12.27
C ASP A 270 -3.94 10.53 11.46
N PHE A 271 -4.01 10.19 10.16
CA PHE A 271 -5.05 10.72 9.29
C PHE A 271 -6.31 9.91 9.57
N LYS A 272 -7.46 10.56 9.70
CA LYS A 272 -8.69 9.84 9.99
C LYS A 272 -9.26 9.18 8.72
N ASN A 273 -9.13 9.87 7.60
CA ASN A 273 -9.63 9.35 6.33
C ASN A 273 -8.43 9.06 5.42
N ILE A 274 -8.41 7.88 4.82
CA ILE A 274 -7.31 7.47 3.95
C ILE A 274 -7.12 8.36 2.73
N LYS A 275 -8.17 9.08 2.33
CA LYS A 275 -8.05 9.97 1.18
C LYS A 275 -6.96 11.02 1.39
N ARG A 276 -6.60 11.29 2.64
CA ARG A 276 -5.54 12.28 2.92
C ARG A 276 -4.16 11.80 2.52
N ALA A 277 -4.03 10.50 2.31
CA ALA A 277 -2.74 9.86 1.97
C ALA A 277 -2.68 9.44 0.50
N ALA A 278 -3.80 9.58 -0.21
CA ALA A 278 -3.88 9.15 -1.61
C ALA A 278 -3.36 10.13 -2.65
N ARG A 279 -3.05 9.58 -3.84
CA ARG A 279 -2.69 10.39 -4.99
C ARG A 279 -3.94 11.23 -5.11
N SER A 280 -3.80 12.52 -5.25
CA SER A 280 -4.99 13.35 -5.27
C SER A 280 -4.70 14.78 -5.62
N GLY A 281 -5.77 15.50 -5.97
CA GLY A 281 -5.65 16.90 -6.30
C GLY A 281 -6.22 17.69 -5.15
N SER A 282 -6.76 16.98 -4.15
CA SER A 282 -7.42 17.55 -2.96
C SER A 282 -6.59 17.68 -1.68
N TYR A 283 -5.51 16.93 -1.58
CA TYR A 283 -4.63 17.03 -0.41
C TYR A 283 -3.18 16.94 -0.86
N TYR A 284 -2.31 17.65 -0.16
CA TYR A 284 -0.87 17.57 -0.43
C TYR A 284 -0.23 17.30 0.92
N ASN A 285 0.34 16.10 1.08
CA ASN A 285 0.96 15.69 2.34
C ASN A 285 -0.02 15.89 3.50
N GLY A 286 -1.27 15.51 3.26
CA GLY A 286 -2.27 15.64 4.30
C GLY A 286 -2.90 17.02 4.48
N ILE A 287 -2.42 18.02 3.73
CA ILE A 287 -2.96 19.36 3.83
C ILE A 287 -3.92 19.61 2.67
N SER A 288 -5.09 20.15 3.00
CA SER A 288 -6.08 20.44 1.96
C SER A 288 -5.52 21.45 0.95
N THR A 289 -5.77 21.19 -0.33
CA THR A 289 -5.35 22.12 -1.35
C THR A 289 -6.53 23.05 -1.73
N ASN A 290 -7.65 22.94 -1.03
CA ASN A 290 -8.81 23.82 -1.32
C ASN A 290 -8.79 24.92 -0.26
N LEU A 291 -7.90 25.88 -0.49
CA LEU A 291 -7.66 26.97 0.44
C LEU A 291 -8.15 28.34 -0.04
#